data_2DC9
#
_entry.id   2DC9
#
_cell.length_a   72.320
_cell.length_b   72.320
_cell.length_c   139.690
_cell.angle_alpha   90.00
_cell.angle_beta   90.00
_cell.angle_gamma   90.00
#
_symmetry.space_group_name_H-M   'P 43 21 2'
#
loop_
_entity.id
_entity.type
_entity.pdbx_description
1 polymer 'CATHEPSIN B'
2 non-polymer 'PHOSPHATE ION'
3 non-polymer 'METHYL N-({(2S,3S)-3-[(PROPYLAMINO)CARBONYL]OXIRAN-2-YL}CARBONYL)-L-ISOLEUCYL-L-PROLINATE'
4 non-polymer GLYCEROL
5 water water
#
_entity_poly.entity_id   1
_entity_poly.type   'polypeptide(L)'
_entity_poly.pdbx_seq_one_letter_code
;LPESFDAREQWPNCPTIKEIRDQGSCGSCWAFGAVEAISDRICIHSNGRVNVEVSAEDMLTCCGGECGDGCNGGFPSGAW
NFWTKKGLVSGGLYNSHVGCRPYSIPPCEHHVNGSRPPCTGEGDTPKCSKTCEPGYSPSYKEDKHFGCSSYSVANNEKEI
MAEIYKNGPVEGAFSVYSDFLLYKSGVYQHVSGEIMGGHAIRILGWGVENGTPYWLVGNSWNTDWGDNGFFKILRGQDHC
GIESEIVAGMPCTHQY
;
_entity_poly.pdbx_strand_id   A
#
loop_
_chem_comp.id
_chem_comp.type
_chem_comp.name
_chem_comp.formula
74M non-polymer 'METHYL N-({(2S,3S)-3-[(PROPYLAMINO)CARBONYL]OXIRAN-2-YL}CARBONYL)-L-ISOLEUCYL-L-PROLINATE' 'C19 H31 N3 O6'
GOL non-polymer GLYCEROL 'C3 H8 O3'
PO4 non-polymer 'PHOSPHATE ION' 'O4 P -3'
#
# COMPACT_ATOMS: atom_id res chain seq x y z
N LEU A 1 -12.25 6.77 -20.97
CA LEU A 1 -12.12 6.78 -19.48
C LEU A 1 -12.71 8.07 -18.90
N PRO A 2 -13.35 7.96 -17.72
CA PRO A 2 -13.96 9.12 -17.06
C PRO A 2 -12.93 10.15 -16.63
N GLU A 3 -13.37 11.38 -16.40
CA GLU A 3 -12.51 12.47 -15.99
C GLU A 3 -11.97 12.22 -14.59
N SER A 4 -12.78 11.53 -13.77
CA SER A 4 -12.40 11.23 -12.40
C SER A 4 -12.81 9.80 -12.09
N PHE A 5 -12.16 9.20 -11.09
CA PHE A 5 -12.47 7.83 -10.68
C PHE A 5 -11.96 7.59 -9.26
N ASP A 6 -12.84 7.10 -8.40
CA ASP A 6 -12.51 6.83 -7.00
C ASP A 6 -12.91 5.39 -6.71
N ALA A 7 -11.92 4.51 -6.57
CA ALA A 7 -12.19 3.10 -6.30
C ALA A 7 -13.05 2.90 -5.06
N ARG A 8 -12.98 3.83 -4.12
CA ARG A 8 -13.78 3.73 -2.90
C ARG A 8 -15.28 3.80 -3.22
N GLU A 9 -15.64 4.65 -4.17
CA GLU A 9 -17.05 4.81 -4.56
C GLU A 9 -17.49 3.75 -5.55
N GLN A 10 -16.59 3.34 -6.44
CA GLN A 10 -16.90 2.34 -7.47
C GLN A 10 -17.09 0.92 -6.94
N TRP A 11 -16.43 0.60 -5.82
CA TRP A 11 -16.56 -0.74 -5.22
C TRP A 11 -16.93 -0.59 -3.75
N PRO A 12 -18.17 -0.17 -3.48
CA PRO A 12 -18.73 0.04 -2.13
C PRO A 12 -18.68 -1.19 -1.22
N ASN A 13 -18.67 -2.37 -1.81
CA ASN A 13 -18.64 -3.60 -1.01
C ASN A 13 -17.24 -4.03 -0.60
N CYS A 14 -16.26 -3.17 -0.88
CA CYS A 14 -14.88 -3.46 -0.53
C CYS A 14 -14.32 -2.37 0.36
N PRO A 15 -14.63 -2.43 1.66
CA PRO A 15 -14.17 -1.42 2.62
C PRO A 15 -12.66 -1.26 2.80
N THR A 16 -11.87 -2.26 2.44
CA THR A 16 -10.42 -2.11 2.60
C THR A 16 -9.91 -0.99 1.70
N ILE A 17 -10.64 -0.72 0.62
CA ILE A 17 -10.25 0.33 -0.32
C ILE A 17 -10.21 1.70 0.38
N LYS A 18 -11.07 1.87 1.39
CA LYS A 18 -11.14 3.13 2.14
C LYS A 18 -10.17 3.19 3.32
N GLU A 19 -9.61 2.05 3.69
CA GLU A 19 -8.69 1.96 4.82
C GLU A 19 -7.31 2.58 4.64
N ILE A 20 -6.76 3.06 5.74
CA ILE A 20 -5.43 3.64 5.77
C ILE A 20 -4.72 2.93 6.91
N ARG A 21 -3.55 2.37 6.63
CA ARG A 21 -2.79 1.65 7.64
C ARG A 21 -1.62 2.47 8.14
N ASP A 22 -0.85 1.88 9.06
CA ASP A 22 0.32 2.56 9.63
C ASP A 22 1.49 1.59 9.65
N GLN A 23 2.50 1.87 8.82
CA GLN A 23 3.67 1.02 8.70
C GLN A 23 4.58 1.10 9.93
N GLY A 24 4.30 2.06 10.80
CA GLY A 24 5.11 2.22 12.01
C GLY A 24 6.53 2.68 11.72
N SER A 25 7.41 2.48 12.68
CA SER A 25 8.81 2.87 12.55
C SER A 25 9.57 1.76 11.83
N CYS A 26 9.28 1.60 10.55
CA CYS A 26 9.87 0.56 9.72
C CYS A 26 9.71 0.97 8.24
N GLY A 27 10.75 0.79 7.45
CA GLY A 27 10.68 1.14 6.03
C GLY A 27 9.98 0.07 5.22
N SER A 28 8.76 -0.25 5.61
CA SER A 28 7.98 -1.30 4.94
C SER A 28 6.91 -0.81 3.95
N CYS A 29 7.07 0.40 3.42
CA CYS A 29 6.06 0.89 2.48
C CYS A 29 5.88 -0.06 1.30
N TRP A 30 6.98 -0.67 0.85
CA TRP A 30 6.90 -1.61 -0.28
C TRP A 30 5.89 -2.72 0.00
N ALA A 31 5.88 -3.19 1.24
CA ALA A 31 4.98 -4.25 1.64
C ALA A 31 3.55 -3.74 1.85
N PHE A 32 3.42 -2.57 2.43
CA PHE A 32 2.09 -2.01 2.66
C PHE A 32 1.34 -1.64 1.39
N GLY A 33 2.02 -0.99 0.45
CA GLY A 33 1.35 -0.64 -0.78
C GLY A 33 0.82 -1.90 -1.45
N ALA A 34 1.59 -2.98 -1.34
CA ALA A 34 1.21 -4.25 -1.93
C ALA A 34 0.04 -4.95 -1.24
N VAL A 35 0.16 -5.22 0.06
CA VAL A 35 -0.92 -5.92 0.76
C VAL A 35 -2.23 -5.13 0.77
N GLU A 36 -2.14 -3.80 0.74
CA GLU A 36 -3.34 -2.97 0.72
C GLU A 36 -4.07 -3.16 -0.60
N ALA A 37 -3.35 -3.01 -1.70
CA ALA A 37 -3.92 -3.18 -3.03
C ALA A 37 -4.40 -4.61 -3.22
N ILE A 38 -3.64 -5.56 -2.69
CA ILE A 38 -4.01 -6.97 -2.81
C ILE A 38 -5.32 -7.22 -2.06
N SER A 39 -5.45 -6.63 -0.88
CA SER A 39 -6.67 -6.78 -0.09
C SER A 39 -7.85 -6.27 -0.95
N ASP A 40 -7.65 -5.11 -1.58
CA ASP A 40 -8.69 -4.52 -2.41
C ASP A 40 -9.08 -5.45 -3.56
N ARG A 41 -8.07 -5.95 -4.27
CA ARG A 41 -8.31 -6.83 -5.41
C ARG A 41 -8.92 -8.17 -5.06
N ILE A 42 -8.59 -8.71 -3.89
CA ILE A 42 -9.16 -9.98 -3.47
C ILE A 42 -10.67 -9.79 -3.33
N CYS A 43 -11.07 -8.64 -2.81
CA CYS A 43 -12.48 -8.33 -2.64
C CYS A 43 -13.16 -8.06 -3.99
N ILE A 44 -12.50 -7.27 -4.83
CA ILE A 44 -13.05 -6.94 -6.14
C ILE A 44 -13.21 -8.17 -7.02
N HIS A 45 -12.24 -9.06 -6.97
CA HIS A 45 -12.31 -10.27 -7.79
C HIS A 45 -12.58 -11.53 -6.97
N SER A 46 -13.70 -11.53 -6.26
CA SER A 46 -14.11 -12.67 -5.43
C SER A 46 -15.50 -12.39 -4.87
N ASN A 47 -16.29 -11.62 -5.60
CA ASN A 47 -17.64 -11.29 -5.19
C ASN A 47 -18.66 -12.12 -5.95
N VAL A 50 -15.17 -12.24 -1.12
CA VAL A 50 -14.65 -12.40 0.23
C VAL A 50 -13.79 -11.20 0.63
N ASN A 51 -13.82 -10.84 1.90
CA ASN A 51 -13.03 -9.71 2.37
C ASN A 51 -11.90 -10.18 3.27
N VAL A 52 -10.68 -9.87 2.87
CA VAL A 52 -9.52 -10.27 3.65
C VAL A 52 -8.56 -9.12 3.94
N GLU A 53 -8.18 -9.00 5.21
CA GLU A 53 -7.20 -7.99 5.60
C GLU A 53 -5.88 -8.72 5.38
N VAL A 54 -5.25 -8.52 4.24
CA VAL A 54 -3.99 -9.20 3.96
C VAL A 54 -2.90 -8.73 4.91
N SER A 55 -2.18 -9.69 5.49
CA SER A 55 -1.13 -9.43 6.46
C SER A 55 0.12 -8.72 5.93
N ALA A 56 0.32 -7.49 6.40
CA ALA A 56 1.51 -6.74 6.02
C ALA A 56 2.69 -7.45 6.68
N GLU A 57 2.43 -8.04 7.86
CA GLU A 57 3.45 -8.76 8.61
C GLU A 57 4.01 -9.95 7.83
N ASP A 58 3.12 -10.74 7.23
CA ASP A 58 3.54 -11.91 6.47
C ASP A 58 4.43 -11.48 5.31
N MET A 59 4.00 -10.45 4.58
CA MET A 59 4.77 -9.95 3.44
C MET A 59 6.13 -9.42 3.89
N LEU A 60 6.10 -8.51 4.85
CA LEU A 60 7.31 -7.88 5.38
C LEU A 60 8.36 -8.83 5.93
N THR A 61 7.92 -9.83 6.70
CA THR A 61 8.85 -10.75 7.33
C THR A 61 9.24 -12.02 6.60
N CYS A 62 8.33 -12.58 5.80
CA CYS A 62 8.64 -13.84 5.13
C CYS A 62 9.05 -13.84 3.67
N CYS A 63 8.92 -12.72 2.97
CA CYS A 63 9.31 -12.75 1.58
C CYS A 63 10.82 -12.94 1.43
N GLY A 64 11.60 -12.21 2.22
CA GLY A 64 13.05 -12.34 2.14
C GLY A 64 13.69 -11.53 1.02
N GLY A 65 14.88 -11.95 0.63
CA GLY A 65 15.63 -11.26 -0.41
C GLY A 65 14.91 -10.98 -1.71
N GLU A 66 14.00 -11.85 -2.09
CA GLU A 66 13.25 -11.66 -3.33
C GLU A 66 12.52 -10.31 -3.33
N CYS A 67 12.18 -9.81 -2.15
CA CYS A 67 11.49 -8.53 -2.02
C CYS A 67 12.37 -7.39 -1.54
N GLY A 68 13.64 -7.68 -1.28
CA GLY A 68 14.52 -6.63 -0.82
C GLY A 68 15.09 -6.84 0.56
N ASP A 69 14.90 -5.87 1.46
CA ASP A 69 15.46 -5.95 2.79
C ASP A 69 14.55 -5.54 3.95
N GLY A 70 13.35 -6.14 4.01
CA GLY A 70 12.43 -5.84 5.09
C GLY A 70 12.22 -4.38 5.47
N CYS A 71 12.48 -4.04 6.73
CA CYS A 71 12.31 -2.67 7.21
C CYS A 71 13.32 -1.69 6.63
N ASN A 72 14.25 -2.20 5.82
CA ASN A 72 15.25 -1.34 5.20
C ASN A 72 14.87 -1.00 3.77
N GLY A 73 13.66 -1.35 3.37
CA GLY A 73 13.21 -1.06 2.02
C GLY A 73 13.07 -2.33 1.18
N GLY A 74 12.25 -2.25 0.13
CA GLY A 74 12.05 -3.41 -0.72
C GLY A 74 11.59 -3.13 -2.13
N PHE A 75 11.27 -4.19 -2.85
CA PHE A 75 10.85 -4.08 -4.25
C PHE A 75 9.37 -4.42 -4.45
N PRO A 76 8.56 -3.43 -4.83
CA PRO A 76 7.13 -3.65 -5.05
C PRO A 76 6.80 -4.87 -5.92
N SER A 77 7.42 -4.98 -7.10
CA SER A 77 7.14 -6.13 -7.96
C SER A 77 7.49 -7.44 -7.25
N GLY A 78 8.51 -7.40 -6.42
CA GLY A 78 8.91 -8.60 -5.69
C GLY A 78 7.83 -9.03 -4.72
N ALA A 79 7.14 -8.05 -4.14
CA ALA A 79 6.07 -8.34 -3.19
C ALA A 79 4.91 -9.05 -3.87
N TRP A 80 4.49 -8.56 -5.04
CA TRP A 80 3.39 -9.20 -5.74
C TRP A 80 3.78 -10.61 -6.17
N ASN A 81 5.08 -10.81 -6.42
CA ASN A 81 5.58 -12.13 -6.80
C ASN A 81 5.40 -13.10 -5.63
N PHE A 82 5.71 -12.61 -4.43
CA PHE A 82 5.58 -13.43 -3.23
C PHE A 82 4.14 -13.88 -3.08
N TRP A 83 3.20 -12.98 -3.38
CA TRP A 83 1.78 -13.29 -3.29
C TRP A 83 1.41 -14.46 -4.21
N THR A 84 2.01 -14.51 -5.40
CA THR A 84 1.72 -15.59 -6.34
C THR A 84 2.51 -16.86 -6.04
N LYS A 85 3.68 -16.72 -5.44
CA LYS A 85 4.52 -17.88 -5.12
C LYS A 85 4.22 -18.56 -3.80
N LYS A 86 4.20 -17.80 -2.72
CA LYS A 86 3.96 -18.35 -1.39
C LYS A 86 2.60 -17.96 -0.81
N GLY A 87 1.93 -16.99 -1.42
CA GLY A 87 0.64 -16.56 -0.92
C GLY A 87 0.80 -15.72 0.34
N LEU A 88 -0.31 -15.14 0.81
CA LEU A 88 -0.28 -14.30 2.00
C LEU A 88 -1.44 -14.64 2.93
N VAL A 89 -1.15 -14.73 4.23
CA VAL A 89 -2.20 -15.01 5.20
C VAL A 89 -2.86 -13.70 5.59
N SER A 90 -3.92 -13.78 6.40
CA SER A 90 -4.64 -12.59 6.84
C SER A 90 -3.93 -12.00 8.06
N GLY A 91 -4.26 -10.75 8.37
CA GLY A 91 -3.64 -10.09 9.52
C GLY A 91 -3.97 -8.62 9.51
N GLY A 92 -4.60 -8.16 10.59
CA GLY A 92 -5.00 -6.76 10.68
C GLY A 92 -4.01 -5.81 11.32
N LEU A 93 -4.55 -4.71 11.85
CA LEU A 93 -3.75 -3.68 12.49
C LEU A 93 -3.08 -4.12 13.79
N TYR A 94 -2.07 -3.36 14.20
CA TYR A 94 -1.33 -3.64 15.42
C TYR A 94 -2.31 -3.74 16.60
N ASN A 95 -2.17 -4.79 17.39
CA ASN A 95 -3.01 -5.02 18.57
C ASN A 95 -4.49 -5.22 18.28
N SER A 96 -4.83 -5.52 17.03
CA SER A 96 -6.22 -5.73 16.66
C SER A 96 -6.66 -7.16 16.91
N HIS A 97 -5.69 -8.08 16.89
CA HIS A 97 -5.94 -9.51 17.08
C HIS A 97 -6.82 -10.04 15.95
N VAL A 98 -6.79 -9.33 14.82
CA VAL A 98 -7.56 -9.72 13.65
C VAL A 98 -6.70 -10.51 12.67
N GLY A 99 -7.16 -11.69 12.30
CA GLY A 99 -6.43 -12.51 11.35
C GLY A 99 -5.26 -13.33 11.89
N CYS A 100 -4.64 -14.07 10.98
CA CYS A 100 -3.52 -14.94 11.31
C CYS A 100 -2.31 -14.19 11.88
N ARG A 101 -1.84 -13.18 11.17
CA ARG A 101 -0.68 -12.43 11.63
C ARG A 101 -0.85 -10.91 11.57
N PRO A 102 -1.40 -10.32 12.64
CA PRO A 102 -1.60 -8.87 12.72
C PRO A 102 -0.24 -8.20 12.72
N TYR A 103 -0.20 -6.91 12.35
CA TYR A 103 1.06 -6.17 12.31
C TYR A 103 1.65 -6.07 13.72
N SER A 104 2.95 -6.32 13.83
CA SER A 104 3.61 -6.31 15.14
C SER A 104 4.34 -5.01 15.51
N ILE A 105 4.39 -4.07 14.58
CA ILE A 105 5.06 -2.80 14.85
C ILE A 105 4.02 -1.74 15.18
N PRO A 106 4.13 -1.11 16.37
CA PRO A 106 3.21 -0.08 16.85
C PRO A 106 3.03 1.14 15.96
N PRO A 107 1.81 1.70 15.93
CA PRO A 107 1.57 2.88 15.11
C PRO A 107 2.31 4.05 15.76
N CYS A 108 2.58 5.10 14.99
CA CYS A 108 3.30 6.24 15.51
C CYS A 108 2.94 7.50 14.73
N GLU A 109 3.44 8.65 15.18
CA GLU A 109 3.16 9.91 14.51
C GLU A 109 4.19 10.18 13.42
N HIS A 110 3.72 10.24 12.17
CA HIS A 110 4.60 10.46 11.03
C HIS A 110 4.62 11.95 10.65
N HIS A 111 5.62 12.67 11.14
CA HIS A 111 5.76 14.10 10.85
C HIS A 111 4.56 14.97 11.18
N VAL A 112 3.85 14.60 12.24
CA VAL A 112 2.70 15.35 12.71
C VAL A 112 2.64 15.17 14.23
N ASN A 113 1.99 16.09 14.92
CA ASN A 113 1.86 15.95 16.37
C ASN A 113 0.61 15.14 16.65
N GLY A 114 0.66 14.33 17.69
CA GLY A 114 -0.50 13.50 18.03
C GLY A 114 -0.34 12.82 19.36
N SER A 115 -1.25 11.91 19.67
CA SER A 115 -1.22 11.19 20.93
C SER A 115 -0.29 9.97 20.92
N ARG A 116 0.05 9.49 19.73
CA ARG A 116 0.94 8.34 19.61
C ARG A 116 2.40 8.79 19.73
N PRO A 117 3.31 7.85 19.98
CA PRO A 117 4.72 8.23 20.09
C PRO A 117 5.22 8.66 18.71
N PRO A 118 6.21 9.55 18.66
CA PRO A 118 6.69 9.96 17.34
C PRO A 118 7.42 8.79 16.69
N CYS A 119 7.33 8.68 15.37
CA CYS A 119 8.00 7.60 14.66
C CYS A 119 9.51 7.77 14.73
N THR A 120 10.21 6.64 14.69
CA THR A 120 11.67 6.62 14.71
C THR A 120 12.11 5.75 13.54
N GLY A 121 12.84 6.33 12.59
CA GLY A 121 13.29 5.58 11.44
C GLY A 121 13.91 4.24 11.79
N GLU A 122 14.38 4.12 13.03
CA GLU A 122 15.01 2.90 13.50
C GLU A 122 14.02 1.81 13.91
N GLY A 123 13.88 0.81 13.05
CA GLY A 123 12.98 -0.30 13.32
C GLY A 123 13.50 -1.56 12.65
N ASP A 124 13.62 -2.64 13.40
CA ASP A 124 14.12 -3.89 12.82
C ASP A 124 13.02 -4.78 12.25
N THR A 125 13.36 -5.51 11.21
CA THR A 125 12.41 -6.40 10.57
C THR A 125 12.04 -7.53 11.54
N PRO A 126 10.74 -7.73 11.79
CA PRO A 126 10.31 -8.80 12.69
C PRO A 126 10.61 -10.15 12.07
N LYS A 127 10.60 -11.19 12.89
CA LYS A 127 10.88 -12.55 12.43
C LYS A 127 9.77 -13.10 11.52
N CYS A 128 10.14 -14.03 10.66
CA CYS A 128 9.17 -14.69 9.79
C CYS A 128 8.70 -15.91 10.58
N SER A 129 7.52 -15.80 11.18
CA SER A 129 6.93 -16.90 11.96
C SER A 129 5.75 -17.45 11.19
N LYS A 130 5.86 -18.70 10.75
CA LYS A 130 4.79 -19.33 9.99
C LYS A 130 3.73 -19.96 10.88
N THR A 131 3.18 -19.13 11.76
CA THR A 131 2.15 -19.55 12.69
C THR A 131 1.15 -18.41 12.84
N CYS A 132 -0.07 -18.72 13.28
CA CYS A 132 -1.07 -17.70 13.47
C CYS A 132 -1.20 -17.37 14.95
N GLU A 133 -1.77 -16.20 15.25
CA GLU A 133 -1.96 -15.80 16.63
C GLU A 133 -2.80 -16.84 17.34
N PRO A 134 -2.66 -16.94 18.67
CA PRO A 134 -3.45 -17.94 19.40
C PRO A 134 -4.95 -17.69 19.27
N GLY A 135 -5.70 -18.76 19.04
CA GLY A 135 -7.14 -18.63 18.90
C GLY A 135 -7.64 -18.54 17.47
N TYR A 136 -6.75 -18.19 16.54
CA TYR A 136 -7.15 -18.06 15.14
C TYR A 136 -7.14 -19.38 14.38
N SER A 137 -8.09 -19.52 13.46
CA SER A 137 -8.21 -20.71 12.61
C SER A 137 -8.55 -20.19 11.22
N PRO A 138 -8.10 -20.90 10.16
CA PRO A 138 -7.33 -22.14 10.16
C PRO A 138 -5.84 -21.92 10.43
N SER A 139 -5.04 -22.94 10.11
CA SER A 139 -3.60 -22.88 10.29
C SER A 139 -2.97 -21.88 9.33
N TYR A 140 -1.71 -21.53 9.59
CA TYR A 140 -0.98 -20.59 8.75
C TYR A 140 -1.03 -21.01 7.29
N LYS A 141 -0.64 -22.26 7.02
CA LYS A 141 -0.65 -22.78 5.66
C LYS A 141 -2.03 -22.68 5.02
N GLU A 142 -3.06 -23.06 5.77
CA GLU A 142 -4.42 -23.03 5.27
C GLU A 142 -5.00 -21.62 5.11
N ASP A 143 -4.37 -20.63 5.74
CA ASP A 143 -4.87 -19.26 5.66
C ASP A 143 -4.24 -18.45 4.54
N LYS A 144 -3.40 -19.10 3.74
CA LYS A 144 -2.72 -18.43 2.63
C LYS A 144 -3.65 -18.11 1.46
N HIS A 145 -3.55 -16.89 0.95
CA HIS A 145 -4.33 -16.46 -0.21
C HIS A 145 -3.31 -16.21 -1.32
N PHE A 146 -3.51 -16.85 -2.46
CA PHE A 146 -2.58 -16.72 -3.57
C PHE A 146 -3.02 -15.84 -4.73
N GLY A 147 -2.02 -15.23 -5.35
CA GLY A 147 -2.26 -14.41 -6.52
C GLY A 147 -1.95 -15.32 -7.69
N CYS A 148 -2.59 -15.10 -8.83
CA CYS A 148 -2.32 -15.97 -9.97
C CYS A 148 -1.59 -15.25 -11.09
N SER A 149 -1.21 -14.00 -10.84
CA SER A 149 -0.44 -13.23 -11.81
C SER A 149 0.18 -12.03 -11.10
N SER A 150 1.35 -11.63 -11.57
CA SER A 150 2.10 -10.50 -11.01
C SER A 150 2.71 -9.80 -12.21
N TYR A 151 2.34 -8.54 -12.42
CA TYR A 151 2.86 -7.80 -13.57
C TYR A 151 3.19 -6.34 -13.32
N SER A 152 3.81 -5.72 -14.31
CA SER A 152 4.21 -4.32 -14.21
C SER A 152 3.49 -3.50 -15.29
N VAL A 153 2.80 -2.46 -14.87
CA VAL A 153 2.08 -1.60 -15.80
C VAL A 153 3.06 -0.56 -16.36
N ALA A 154 2.97 -0.32 -17.65
CA ALA A 154 3.86 0.64 -18.31
C ALA A 154 3.72 2.06 -17.77
N ASN A 155 4.78 2.85 -17.97
CA ASN A 155 4.82 4.25 -17.55
C ASN A 155 3.97 4.99 -18.58
N ASN A 156 2.66 4.77 -18.49
CA ASN A 156 1.72 5.37 -19.43
C ASN A 156 0.44 5.71 -18.68
N GLU A 157 0.16 7.00 -18.55
CA GLU A 157 -1.00 7.49 -17.83
C GLU A 157 -2.29 6.76 -18.17
N LYS A 158 -2.61 6.68 -19.45
CA LYS A 158 -3.83 6.02 -19.89
C LYS A 158 -3.88 4.54 -19.52
N GLU A 159 -2.77 3.83 -19.72
CA GLU A 159 -2.74 2.42 -19.38
C GLU A 159 -2.91 2.21 -17.88
N ILE A 160 -2.33 3.10 -17.08
CA ILE A 160 -2.43 3.01 -15.63
C ILE A 160 -3.89 3.24 -15.21
N MET A 161 -4.52 4.24 -15.82
CA MET A 161 -5.91 4.55 -15.51
C MET A 161 -6.80 3.38 -15.90
N ALA A 162 -6.53 2.78 -17.06
CA ALA A 162 -7.31 1.64 -17.54
C ALA A 162 -7.19 0.45 -16.60
N GLU A 163 -5.99 0.22 -16.09
CA GLU A 163 -5.74 -0.89 -15.17
C GLU A 163 -6.53 -0.72 -13.88
N ILE A 164 -6.50 0.48 -13.32
CA ILE A 164 -7.23 0.78 -12.09
C ILE A 164 -8.73 0.68 -12.34
N TYR A 165 -9.17 1.28 -13.44
CA TYR A 165 -10.58 1.28 -13.81
C TYR A 165 -11.17 -0.13 -13.91
N LYS A 166 -10.40 -1.04 -14.50
CA LYS A 166 -10.85 -2.41 -14.68
C LYS A 166 -10.56 -3.38 -13.54
N ASN A 167 -9.33 -3.35 -13.02
CA ASN A 167 -8.91 -4.30 -12.00
C ASN A 167 -8.73 -3.82 -10.56
N GLY A 168 -8.86 -2.52 -10.32
CA GLY A 168 -8.73 -2.03 -8.96
C GLY A 168 -7.43 -1.29 -8.66
N PRO A 169 -7.25 -0.83 -7.41
CA PRO A 169 -6.04 -0.10 -7.01
C PRO A 169 -4.76 -0.86 -7.32
N VAL A 170 -3.69 -0.10 -7.57
CA VAL A 170 -2.40 -0.68 -7.88
C VAL A 170 -1.37 -0.12 -6.90
N GLU A 171 -0.17 -0.66 -6.94
CA GLU A 171 0.89 -0.15 -6.09
C GLU A 171 1.82 0.66 -6.97
N GLY A 172 2.34 1.76 -6.43
CA GLY A 172 3.26 2.59 -7.19
C GLY A 172 4.34 3.10 -6.26
N ALA A 173 5.28 3.87 -6.79
CA ALA A 173 6.34 4.41 -5.97
C ALA A 173 6.81 5.74 -6.54
N PHE A 174 7.29 6.62 -5.67
CA PHE A 174 7.78 7.91 -6.11
C PHE A 174 8.88 8.41 -5.20
N SER A 175 9.63 9.41 -5.67
CA SER A 175 10.71 9.99 -4.88
C SER A 175 10.14 10.98 -3.90
N VAL A 176 10.44 10.78 -2.62
CA VAL A 176 9.94 11.67 -1.58
C VAL A 176 10.98 12.71 -1.19
N TYR A 177 10.61 13.98 -1.34
CA TYR A 177 11.47 15.09 -0.96
C TYR A 177 10.82 15.64 0.30
N SER A 178 11.58 16.36 1.13
CA SER A 178 11.03 16.87 2.39
C SER A 178 9.75 17.67 2.34
N ASP A 179 9.51 18.42 1.26
CA ASP A 179 8.27 19.21 1.22
C ASP A 179 7.01 18.36 1.19
N PHE A 180 7.15 17.08 0.83
CA PHE A 180 6.01 16.17 0.79
C PHE A 180 5.59 15.77 2.20
N LEU A 181 6.55 15.73 3.12
CA LEU A 181 6.30 15.33 4.50
C LEU A 181 5.22 16.15 5.19
N LEU A 182 5.10 17.43 4.83
CA LEU A 182 4.13 18.32 5.44
C LEU A 182 2.82 18.45 4.66
N TYR A 183 2.62 17.59 3.67
CA TYR A 183 1.39 17.64 2.86
C TYR A 183 0.13 17.63 3.71
N LYS A 184 -0.84 18.47 3.34
CA LYS A 184 -2.11 18.53 4.06
C LYS A 184 -3.28 18.44 3.09
N SER A 185 -3.19 19.14 1.95
CA SER A 185 -4.27 19.13 0.98
C SER A 185 -3.82 19.60 -0.41
N GLY A 186 -4.75 19.57 -1.35
CA GLY A 186 -4.45 20.00 -2.71
C GLY A 186 -3.68 18.96 -3.50
N VAL A 187 -3.20 19.36 -4.68
CA VAL A 187 -2.43 18.46 -5.53
C VAL A 187 -0.95 18.71 -5.29
N TYR A 188 -0.26 17.72 -4.75
CA TYR A 188 1.16 17.85 -4.46
C TYR A 188 2.05 17.94 -5.70
N GLN A 189 2.97 18.89 -5.65
CA GLN A 189 3.96 19.10 -6.69
C GLN A 189 5.24 19.47 -5.95
N HIS A 190 6.31 18.74 -6.24
CA HIS A 190 7.61 18.96 -5.60
C HIS A 190 8.28 20.26 -6.02
N VAL A 191 8.61 21.11 -5.05
CA VAL A 191 9.28 22.36 -5.36
C VAL A 191 10.55 22.55 -4.53
N SER A 192 10.63 21.92 -3.36
CA SER A 192 11.81 22.06 -2.52
C SER A 192 12.03 20.93 -1.55
N GLY A 193 13.22 20.89 -0.95
CA GLY A 193 13.53 19.86 0.03
C GLY A 193 14.48 18.76 -0.41
N GLU A 194 15.29 18.28 0.52
CA GLU A 194 16.25 17.22 0.23
C GLU A 194 15.49 15.92 -0.02
N ILE A 195 16.10 15.05 -0.82
CA ILE A 195 15.51 13.76 -1.14
C ILE A 195 15.51 12.89 0.12
N MET A 196 14.38 12.25 0.41
CA MET A 196 14.23 11.39 1.58
C MET A 196 14.40 9.92 1.20
N GLY A 197 14.07 9.59 -0.04
CA GLY A 197 14.19 8.23 -0.52
C GLY A 197 12.95 7.83 -1.31
N GLY A 198 12.94 6.60 -1.81
CA GLY A 198 11.80 6.14 -2.58
C GLY A 198 10.69 5.73 -1.63
N HIS A 199 9.44 5.89 -2.05
CA HIS A 199 8.30 5.54 -1.20
C HIS A 199 7.21 4.83 -2.00
N ALA A 200 6.84 3.63 -1.56
CA ALA A 200 5.81 2.85 -2.23
C ALA A 200 4.44 3.16 -1.62
N ILE A 201 3.44 3.33 -2.49
CA ILE A 201 2.10 3.66 -2.04
C ILE A 201 1.02 2.96 -2.85
N ARG A 202 -0.24 3.26 -2.53
CA ARG A 202 -1.38 2.66 -3.22
C ARG A 202 -2.17 3.71 -4.00
N ILE A 203 -2.25 3.56 -5.32
CA ILE A 203 -3.00 4.50 -6.16
C ILE A 203 -4.37 3.90 -6.41
N LEU A 204 -5.40 4.60 -5.94
CA LEU A 204 -6.78 4.10 -6.06
C LEU A 204 -7.71 4.94 -6.92
N GLY A 205 -7.17 5.89 -7.66
CA GLY A 205 -8.04 6.70 -8.50
C GLY A 205 -7.38 7.94 -9.07
N TRP A 206 -8.18 8.83 -9.63
CA TRP A 206 -7.66 10.05 -10.22
C TRP A 206 -8.76 11.09 -10.35
N GLY A 207 -8.36 12.31 -10.68
CA GLY A 207 -9.33 13.38 -10.83
C GLY A 207 -8.62 14.64 -11.28
N VAL A 208 -9.32 15.76 -11.18
CA VAL A 208 -8.77 17.06 -11.55
C VAL A 208 -9.19 18.06 -10.51
N GLU A 209 -8.21 18.76 -9.95
CA GLU A 209 -8.51 19.77 -8.93
C GLU A 209 -7.99 21.12 -9.39
N ASN A 210 -8.91 22.03 -9.65
CA ASN A 210 -8.57 23.37 -10.10
C ASN A 210 -7.77 23.33 -11.40
N GLY A 211 -8.17 22.44 -12.31
CA GLY A 211 -7.48 22.33 -13.58
C GLY A 211 -6.22 21.48 -13.54
N THR A 212 -5.86 21.00 -12.36
CA THR A 212 -4.66 20.18 -12.20
C THR A 212 -5.00 18.70 -12.08
N PRO A 213 -4.56 17.88 -13.04
CA PRO A 213 -4.83 16.44 -13.02
C PRO A 213 -4.03 15.79 -11.89
N TYR A 214 -4.63 14.82 -11.21
CA TYR A 214 -3.95 14.17 -10.11
C TYR A 214 -4.29 12.71 -9.93
N TRP A 215 -3.49 12.05 -9.11
CA TRP A 215 -3.67 10.65 -8.75
C TRP A 215 -4.16 10.67 -7.30
N LEU A 216 -5.15 9.84 -6.99
CA LEU A 216 -5.67 9.73 -5.63
C LEU A 216 -4.84 8.62 -4.99
N VAL A 217 -4.10 8.95 -3.94
CA VAL A 217 -3.21 7.98 -3.30
C VAL A 217 -3.41 7.78 -1.80
N GLY A 218 -3.29 6.53 -1.36
CA GLY A 218 -3.41 6.22 0.04
C GLY A 218 -2.03 5.98 0.60
N ASN A 219 -1.63 6.77 1.60
CA ASN A 219 -0.31 6.62 2.22
C ASN A 219 -0.46 5.63 3.38
N SER A 220 0.66 5.19 3.94
CA SER A 220 0.63 4.25 5.06
C SER A 220 1.20 4.86 6.33
N TRP A 221 0.86 6.13 6.58
CA TRP A 221 1.33 6.85 7.75
C TRP A 221 0.19 7.25 8.68
N ASN A 222 -0.81 6.37 8.78
CA ASN A 222 -1.98 6.58 9.63
C ASN A 222 -2.89 7.68 9.09
N THR A 223 -4.01 7.91 9.78
CA THR A 223 -5.00 8.89 9.36
C THR A 223 -4.77 10.35 9.73
N ASP A 224 -3.87 10.63 10.67
CA ASP A 224 -3.65 12.03 11.03
C ASP A 224 -2.58 12.73 10.21
N TRP A 225 -2.02 12.00 9.23
CA TRP A 225 -1.03 12.59 8.33
C TRP A 225 -1.77 12.93 7.04
N GLY A 226 -1.37 14.04 6.40
CA GLY A 226 -2.00 14.43 5.15
C GLY A 226 -3.50 14.66 5.20
N ASP A 227 -4.20 14.22 4.15
CA ASP A 227 -5.64 14.38 4.05
C ASP A 227 -6.33 13.10 4.51
N ASN A 228 -6.46 12.93 5.83
CA ASN A 228 -7.07 11.74 6.40
C ASN A 228 -6.29 10.49 5.98
N GLY A 229 -4.99 10.66 5.76
CA GLY A 229 -4.16 9.54 5.37
C GLY A 229 -3.90 9.45 3.88
N PHE A 230 -4.72 10.15 3.10
CA PHE A 230 -4.58 10.17 1.64
C PHE A 230 -3.90 11.44 1.16
N PHE A 231 -3.55 11.45 -0.12
CA PHE A 231 -2.96 12.62 -0.74
C PHE A 231 -3.17 12.57 -2.24
N LYS A 232 -3.03 13.71 -2.89
CA LYS A 232 -3.18 13.80 -4.33
C LYS A 232 -1.83 14.26 -4.85
N ILE A 233 -1.41 13.71 -5.98
CA ILE A 233 -0.13 14.09 -6.57
C ILE A 233 -0.33 14.31 -8.07
N LEU A 234 0.43 15.26 -8.62
CA LEU A 234 0.34 15.60 -10.04
C LEU A 234 0.38 14.36 -10.94
N ARG A 235 -0.57 14.30 -11.87
CA ARG A 235 -0.68 13.18 -12.81
C ARG A 235 -0.40 13.59 -14.25
N GLY A 236 0.19 12.67 -15.02
CA GLY A 236 0.47 12.94 -16.41
C GLY A 236 1.87 13.35 -16.81
N GLN A 237 2.72 13.66 -15.84
CA GLN A 237 4.08 14.07 -16.16
C GLN A 237 5.13 13.22 -15.43
N ASP A 238 4.72 12.03 -15.01
CA ASP A 238 5.59 11.12 -14.27
C ASP A 238 6.31 11.90 -13.19
N HIS A 239 5.56 12.77 -12.53
CA HIS A 239 6.10 13.63 -11.48
C HIS A 239 6.68 12.82 -10.31
N CYS A 240 7.96 13.04 -10.05
CA CYS A 240 8.67 12.32 -8.99
C CYS A 240 8.68 10.83 -9.27
N GLY A 241 8.39 10.46 -10.52
CA GLY A 241 8.37 9.07 -10.93
C GLY A 241 7.13 8.29 -10.52
N ILE A 242 6.06 9.00 -10.19
CA ILE A 242 4.82 8.37 -9.74
C ILE A 242 4.22 7.38 -10.75
N GLU A 243 4.52 7.54 -12.02
CA GLU A 243 4.00 6.65 -13.06
C GLU A 243 5.05 5.65 -13.57
N SER A 244 6.24 5.69 -13.00
CA SER A 244 7.34 4.83 -13.46
C SER A 244 7.54 3.46 -12.85
N GLU A 245 6.83 3.16 -11.76
CA GLU A 245 7.02 1.87 -11.10
C GLU A 245 5.69 1.27 -10.65
N ILE A 246 4.72 1.24 -11.55
CA ILE A 246 3.40 0.69 -11.25
C ILE A 246 3.38 -0.84 -11.35
N VAL A 247 2.87 -1.49 -10.32
CA VAL A 247 2.78 -2.95 -10.32
C VAL A 247 1.44 -3.43 -9.79
N ALA A 248 1.03 -4.62 -10.21
CA ALA A 248 -0.24 -5.18 -9.77
C ALA A 248 -0.26 -6.67 -10.05
N GLY A 249 -1.45 -7.26 -9.95
CA GLY A 249 -1.60 -8.68 -10.19
C GLY A 249 -3.04 -9.06 -9.93
N MET A 250 -3.40 -10.29 -10.29
CA MET A 250 -4.76 -10.76 -10.12
C MET A 250 -4.82 -11.98 -9.19
N PRO A 251 -5.82 -12.01 -8.30
CA PRO A 251 -5.95 -13.14 -7.37
C PRO A 251 -6.38 -14.41 -8.10
N CYS A 252 -6.04 -15.55 -7.52
CA CYS A 252 -6.41 -16.82 -8.12
C CYS A 252 -7.92 -17.01 -7.96
N THR A 253 -8.52 -17.69 -8.93
CA THR A 253 -9.96 -17.95 -8.91
C THR A 253 -10.77 -16.66 -8.81
P PO4 B . -17.50 5.72 -14.55
O1 PO4 B . -17.59 4.43 -15.29
O2 PO4 B . -17.77 6.85 -15.48
O3 PO4 B . -18.52 5.73 -13.45
O4 PO4 B . -16.15 5.85 -13.96
C2 74M C . 10.86 1.93 1.62
O1 74M C . 11.88 2.55 2.07
C3 74M C . 9.69 2.91 1.64
C4 74M C . 9.41 3.55 2.99
O4 74M C . 8.85 2.87 3.86
N1 74M C . 9.82 4.82 3.13
C5 74M C . 10.17 5.56 4.40
C6 74M C . 8.90 5.59 5.36
O5 74M C . 7.77 5.62 4.82
C14 74M C . 10.65 7.03 4.05
C16 74M C . 9.94 7.66 2.82
C15 74M C . 12.18 7.06 3.79
C17 74M C . 9.53 9.14 2.97
N2 74M C . 8.98 5.63 6.74
C7 74M C . 8.01 6.32 7.64
C8 74M C . 7.96 7.89 7.63
O6 74M C . 7.17 8.49 8.36
C20 74M C . 8.34 5.70 9.01
C19 74M C . 9.80 5.24 8.95
C18 74M C . 10.08 4.96 7.47
O7 74M C . 8.90 8.44 6.71
C9 74M C . 8.67 9.88 6.86
N3 74M C . 12.13 1.73 -0.48
C11 74M C . 12.33 1.44 -1.92
C12 74M C . 11.40 2.30 -2.79
C13 74M C . 10.26 1.48 -3.40
C10 74M C . 11.03 1.35 0.18
O2 74M C . 10.79 0.14 0.34
C1 GOL D . -9.54 11.81 2.06
O1 GOL D . -10.49 11.94 2.87
C2 GOL D . -9.98 12.45 0.72
O2 GOL D . -11.11 11.78 0.21
C3 GOL D . -8.93 12.39 -0.39
O3 GOL D . -9.46 13.03 -1.54
#